data_8BNQ
#
_entry.id   8BNQ
#
_cell.length_a   31.270
_cell.length_b   75.000
_cell.length_c   79.840
_cell.angle_alpha   114.574
_cell.angle_beta   92.503
_cell.angle_gamma   100.913
#
_symmetry.space_group_name_H-M   'P 1'
#
loop_
_entity.id
_entity.type
_entity.pdbx_description
1 polymer Titin
2 non-polymer 1,2-ETHANEDIOL
3 water water
#
_entity_poly.entity_id   1
_entity_poly.type   'polypeptide(L)'
_entity_poly.pdbx_seq_one_letter_code
;GAMDRPGPPEGPVVISGVTAEKCTLAWKPPLQDGGSDIINYIVERRETSRLVWTVVDANVQTLSCKVTKLLEGNEYTFRI
MAVNKYGVGEPLESEPVVAKNPFVVPDAPKAPEVTTVTKDSMIVVWERPASDGGSEILGYVLEKRDKEGIRWTRCHKRLI
GELRLRVTGLIENHDYEFRVSAENAAGLSEPSPPSAYQKACDPIYKPGPPNNPKVIDITRSSVFLSWSKPIYDGGCEIQG
YIVEKCDVSVGEWTMCTPPTGINKTNIEVEKLLEKHEYNFRICAINKAGVGEHADVPGPIIVEE
;
_entity_poly.pdbx_strand_id   A,B
#
loop_
_chem_comp.id
_chem_comp.type
_chem_comp.name
_chem_comp.formula
EDO non-polymer 1,2-ETHANEDIOL 'C2 H6 O2'
#
# COMPACT_ATOMS: atom_id res chain seq x y z
N GLY A 1 -42.86 -18.12 3.85
CA GLY A 1 -43.37 -19.04 2.83
C GLY A 1 -42.45 -20.22 2.72
N ALA A 2 -42.53 -20.95 1.61
CA ALA A 2 -41.64 -22.09 1.46
C ALA A 2 -40.23 -21.60 1.17
N MET A 3 -39.27 -22.46 1.45
CA MET A 3 -37.85 -22.14 1.40
C MET A 3 -37.24 -22.72 0.14
N ASP A 4 -36.24 -22.03 -0.41
CA ASP A 4 -35.47 -22.55 -1.55
C ASP A 4 -34.12 -21.85 -1.63
N ARG A 5 -33.43 -22.04 -2.74
CA ARG A 5 -32.11 -21.50 -3.00
C ARG A 5 -32.18 -19.99 -3.18
N PRO A 6 -31.02 -19.30 -3.13
CA PRO A 6 -31.03 -17.84 -3.15
C PRO A 6 -31.28 -17.33 -4.56
N GLY A 7 -31.60 -16.05 -4.64
CA GLY A 7 -31.66 -15.42 -5.93
C GLY A 7 -30.27 -15.20 -6.46
N PRO A 8 -30.20 -14.58 -7.64
CA PRO A 8 -28.90 -14.29 -8.25
C PRO A 8 -28.22 -13.14 -7.55
N PRO A 9 -26.89 -13.11 -7.52
CA PRO A 9 -26.22 -11.87 -7.09
C PRO A 9 -26.72 -10.71 -7.92
N GLU A 10 -26.70 -9.53 -7.34
CA GLU A 10 -27.32 -8.37 -7.94
C GLU A 10 -26.24 -7.46 -8.52
N GLY A 11 -26.67 -6.58 -9.41
CA GLY A 11 -25.84 -5.48 -9.82
C GLY A 11 -25.00 -5.88 -11.00
N PRO A 12 -24.48 -4.90 -11.73
CA PRO A 12 -23.46 -5.23 -12.72
C PRO A 12 -22.24 -5.77 -11.99
N VAL A 13 -21.65 -6.83 -12.54
CA VAL A 13 -20.33 -7.24 -12.07
C VAL A 13 -19.36 -6.13 -12.44
N VAL A 14 -18.53 -5.73 -11.48
CA VAL A 14 -17.57 -4.67 -11.74
C VAL A 14 -16.17 -5.27 -11.72
N ILE A 15 -15.46 -5.12 -12.84
CA ILE A 15 -14.14 -5.70 -13.04
C ILE A 15 -13.11 -4.60 -12.87
N SER A 16 -12.03 -4.92 -12.16
CA SER A 16 -11.01 -3.95 -11.83
C SER A 16 -9.67 -4.67 -11.66
N GLY A 17 -8.58 -3.90 -11.68
CA GLY A 17 -7.26 -4.47 -11.50
C GLY A 17 -6.85 -5.40 -12.63
N VAL A 18 -7.36 -5.17 -13.84
CA VAL A 18 -7.09 -6.09 -14.94
C VAL A 18 -5.63 -5.97 -15.36
N THR A 19 -4.90 -7.10 -15.30
CA THR A 19 -3.62 -7.17 -15.98
C THR A 19 -3.63 -8.32 -16.95
N ALA A 20 -2.44 -8.72 -17.39
CA ALA A 20 -2.38 -9.82 -18.34
C ALA A 20 -2.57 -11.16 -17.66
N GLU A 21 -2.60 -11.21 -16.33
CA GLU A 21 -2.68 -12.48 -15.62
C GLU A 21 -3.74 -12.53 -14.54
N LYS A 22 -4.31 -11.40 -14.14
CA LYS A 22 -5.21 -11.37 -13.01
C LYS A 22 -6.27 -10.30 -13.24
N CYS A 23 -7.30 -10.34 -12.41
CA CYS A 23 -8.28 -9.27 -12.31
C CYS A 23 -9.10 -9.50 -11.05
N THR A 24 -9.92 -8.51 -10.73
CA THR A 24 -10.74 -8.47 -9.53
C THR A 24 -12.19 -8.24 -9.90
N LEU A 25 -13.09 -8.98 -9.26
CA LEU A 25 -14.52 -8.88 -9.50
C LEU A 25 -15.20 -8.51 -8.19
N ALA A 26 -16.31 -7.76 -8.28
CA ALA A 26 -17.17 -7.44 -7.14
C ALA A 26 -18.62 -7.42 -7.57
N TRP A 27 -19.50 -7.84 -6.66
CA TRP A 27 -20.93 -7.93 -6.90
C TRP A 27 -21.68 -7.52 -5.63
N LYS A 28 -22.99 -7.48 -5.72
CA LYS A 28 -23.78 -7.20 -4.54
C LYS A 28 -24.67 -8.39 -4.21
N PRO A 29 -25.01 -8.60 -2.94
CA PRO A 29 -25.75 -9.81 -2.56
C PRO A 29 -27.11 -9.87 -3.26
N PRO A 30 -27.66 -11.07 -3.38
CA PRO A 30 -28.98 -11.18 -3.99
C PRO A 30 -30.02 -10.44 -3.18
N LEU A 31 -31.00 -9.91 -3.89
CA LEU A 31 -32.15 -9.28 -3.27
C LEU A 31 -32.92 -10.26 -2.38
N GLN A 32 -33.02 -11.52 -2.79
CA GLN A 32 -33.69 -12.56 -2.04
C GLN A 32 -32.71 -13.67 -1.70
N ASP A 33 -32.68 -14.08 -0.45
CA ASP A 33 -31.82 -15.19 -0.08
C ASP A 33 -32.58 -16.50 0.01
N GLY A 34 -33.90 -16.49 -0.20
CA GLY A 34 -34.65 -17.72 -0.21
C GLY A 34 -35.17 -18.17 1.14
N GLY A 35 -34.98 -17.37 2.21
CA GLY A 35 -35.40 -17.70 3.55
C GLY A 35 -34.33 -18.22 4.49
N SER A 36 -33.11 -18.44 3.99
CA SER A 36 -31.96 -18.87 4.79
C SER A 36 -30.76 -18.03 4.37
N ASP A 37 -29.83 -17.80 5.29
CA ASP A 37 -28.71 -16.89 5.02
C ASP A 37 -27.74 -17.46 3.99
N ILE A 38 -27.10 -16.56 3.23
CA ILE A 38 -26.13 -16.97 2.20
C ILE A 38 -24.83 -17.41 2.87
N ILE A 39 -24.46 -18.66 2.64
CA ILE A 39 -23.29 -19.21 3.33
C ILE A 39 -22.01 -18.78 2.64
N ASN A 40 -21.96 -18.90 1.32
CA ASN A 40 -20.76 -18.57 0.54
C ASN A 40 -21.16 -18.27 -0.90
N TYR A 41 -20.21 -17.74 -1.66
CA TYR A 41 -20.43 -17.51 -3.08
C TYR A 41 -19.54 -18.42 -3.92
N ILE A 42 -19.98 -18.69 -5.14
CA ILE A 42 -19.17 -19.47 -6.07
C ILE A 42 -18.83 -18.59 -7.24
N VAL A 43 -17.54 -18.44 -7.53
CA VAL A 43 -17.06 -17.67 -8.67
C VAL A 43 -16.48 -18.62 -9.72
N GLU A 44 -16.89 -18.44 -10.97
CA GLU A 44 -16.47 -19.29 -12.08
C GLU A 44 -16.02 -18.44 -13.27
N ARG A 45 -15.10 -18.98 -14.06
CA ARG A 45 -14.60 -18.33 -15.27
C ARG A 45 -14.76 -19.19 -16.53
N ARG A 46 -14.93 -18.51 -17.68
CA ARG A 46 -15.02 -19.22 -18.95
C ARG A 46 -14.45 -18.35 -20.06
N GLU A 47 -13.29 -18.74 -20.59
CA GLU A 47 -12.80 -18.08 -21.80
C GLU A 47 -13.91 -18.10 -22.86
N THR A 48 -14.03 -17.01 -23.62
CA THR A 48 -15.21 -16.88 -24.49
C THR A 48 -15.30 -18.00 -25.51
N SER A 49 -14.19 -18.57 -25.95
CA SER A 49 -14.24 -19.67 -26.92
C SER A 49 -14.72 -21.00 -26.31
N ARG A 50 -14.69 -21.15 -24.99
CA ARG A 50 -14.87 -22.47 -24.40
C ARG A 50 -16.33 -22.73 -24.00
N LEU A 51 -16.62 -23.99 -23.68
CA LEU A 51 -17.96 -24.37 -23.24
C LEU A 51 -18.04 -24.62 -21.76
N VAL A 52 -16.96 -25.10 -21.14
CA VAL A 52 -16.96 -25.49 -19.74
C VAL A 52 -16.64 -24.30 -18.85
N TRP A 53 -17.48 -24.09 -17.84
CA TRP A 53 -17.14 -23.13 -16.81
C TRP A 53 -16.18 -23.80 -15.84
N THR A 54 -15.12 -23.10 -15.49
CA THR A 54 -14.09 -23.61 -14.59
C THR A 54 -14.20 -22.87 -13.27
N VAL A 55 -14.06 -23.60 -12.16
CA VAL A 55 -14.26 -23.00 -10.85
C VAL A 55 -13.05 -22.14 -10.51
N VAL A 56 -13.31 -20.92 -10.07
CA VAL A 56 -12.25 -20.07 -9.54
C VAL A 56 -12.12 -20.23 -8.04
N ASP A 57 -13.25 -20.24 -7.34
CA ASP A 57 -13.26 -20.34 -5.90
C ASP A 57 -14.65 -20.76 -5.49
N ALA A 58 -14.74 -21.88 -4.78
CA ALA A 58 -16.02 -22.43 -4.42
C ALA A 58 -16.47 -22.00 -3.05
N ASN A 59 -15.69 -21.15 -2.38
CA ASN A 59 -16.11 -20.79 -1.06
C ASN A 59 -15.61 -19.37 -0.80
N VAL A 60 -16.29 -18.44 -1.45
CA VAL A 60 -16.00 -17.02 -1.34
C VAL A 60 -16.93 -16.47 -0.27
N GLN A 61 -16.37 -16.01 0.85
CA GLN A 61 -17.12 -15.36 1.92
C GLN A 61 -16.94 -13.86 1.84
N THR A 62 -17.18 -13.30 0.66
CA THR A 62 -16.83 -11.92 0.37
C THR A 62 -17.74 -11.49 -0.76
N LEU A 63 -17.81 -10.18 -0.98
CA LEU A 63 -18.48 -9.66 -2.17
C LEU A 63 -17.48 -9.32 -3.27
N SER A 64 -16.28 -9.90 -3.21
CA SER A 64 -15.21 -9.67 -4.18
C SER A 64 -14.32 -10.91 -4.24
N CYS A 65 -13.60 -11.04 -5.36
CA CYS A 65 -12.74 -12.19 -5.60
C CYS A 65 -11.56 -11.80 -6.48
N LYS A 66 -10.38 -12.31 -6.17
CA LYS A 66 -9.18 -12.07 -6.98
C LYS A 66 -9.02 -13.26 -7.92
N VAL A 67 -9.19 -13.04 -9.22
CA VAL A 67 -8.99 -14.10 -10.21
C VAL A 67 -7.54 -14.05 -10.66
N THR A 68 -6.87 -15.21 -10.64
CA THR A 68 -5.49 -15.30 -11.09
C THR A 68 -5.39 -16.34 -12.21
N LYS A 69 -4.15 -16.67 -12.57
CA LYS A 69 -3.87 -17.63 -13.64
C LYS A 69 -4.60 -17.26 -14.93
N LEU A 70 -4.89 -15.98 -15.12
CA LEU A 70 -5.42 -15.63 -16.43
C LEU A 70 -4.29 -15.63 -17.44
N LEU A 71 -4.67 -15.58 -18.72
CA LEU A 71 -3.73 -15.81 -19.80
C LEU A 71 -3.76 -14.66 -20.80
N GLU A 72 -2.59 -14.09 -21.08
CA GLU A 72 -2.51 -12.86 -21.85
C GLU A 72 -3.14 -12.99 -23.23
N GLY A 73 -4.01 -12.03 -23.59
CA GLY A 73 -4.68 -12.03 -24.86
C GLY A 73 -6.02 -12.71 -24.89
N ASN A 74 -6.34 -13.54 -23.90
CA ASN A 74 -7.60 -14.27 -23.91
C ASN A 74 -8.70 -13.41 -23.34
N GLU A 75 -9.90 -13.61 -23.85
CA GLU A 75 -11.09 -12.90 -23.40
C GLU A 75 -11.90 -13.83 -22.49
N TYR A 76 -12.27 -13.35 -21.31
CA TYR A 76 -13.00 -14.17 -20.37
C TYR A 76 -14.31 -13.50 -20.00
N THR A 77 -15.25 -14.32 -19.55
CA THR A 77 -16.49 -13.92 -18.90
C THR A 77 -16.54 -14.64 -17.56
N PHE A 78 -17.05 -13.98 -16.53
CA PHE A 78 -17.08 -14.54 -15.19
C PHE A 78 -18.50 -14.67 -14.68
N ARG A 79 -18.67 -15.64 -13.77
CA ARG A 79 -19.96 -16.05 -13.24
C ARG A 79 -19.92 -16.09 -11.71
N ILE A 80 -20.94 -15.53 -11.05
CA ILE A 80 -21.04 -15.61 -9.59
C ILE A 80 -22.39 -16.21 -9.20
N MET A 81 -22.37 -17.18 -8.27
CA MET A 81 -23.60 -17.75 -7.71
C MET A 81 -23.60 -17.65 -6.18
N ALA A 82 -24.79 -17.44 -5.62
CA ALA A 82 -24.98 -17.43 -4.18
C ALA A 82 -25.43 -18.81 -3.70
N VAL A 83 -24.96 -19.22 -2.52
CA VAL A 83 -25.24 -20.56 -1.99
C VAL A 83 -25.83 -20.42 -0.59
N ASN A 84 -26.90 -21.16 -0.30
CA ASN A 84 -27.39 -21.18 1.08
C ASN A 84 -27.61 -22.62 1.49
N LYS A 85 -28.31 -22.85 2.62
CA LYS A 85 -28.47 -24.22 3.09
C LYS A 85 -29.22 -25.08 2.07
N TYR A 86 -30.06 -24.48 1.23
CA TYR A 86 -30.93 -25.21 0.30
C TYR A 86 -30.38 -25.25 -1.13
N GLY A 87 -29.15 -24.82 -1.36
CA GLY A 87 -28.54 -25.05 -2.65
C GLY A 87 -27.99 -23.78 -3.27
N VAL A 88 -27.59 -23.93 -4.55
CA VAL A 88 -26.89 -22.92 -5.33
C VAL A 88 -27.88 -22.16 -6.21
N GLY A 89 -27.83 -20.83 -6.17
CA GLY A 89 -28.77 -20.02 -6.92
C GLY A 89 -28.30 -19.77 -8.33
N GLU A 90 -29.07 -18.94 -9.05
CA GLU A 90 -28.76 -18.63 -10.46
C GLU A 90 -27.55 -17.71 -10.54
N PRO A 91 -26.79 -17.80 -11.61
CA PRO A 91 -25.57 -17.00 -11.70
C PRO A 91 -25.86 -15.55 -12.07
N LEU A 92 -24.88 -14.71 -11.73
CA LEU A 92 -24.72 -13.35 -12.23
C LEU A 92 -23.49 -13.39 -13.13
N GLU A 93 -23.67 -13.05 -14.41
CA GLU A 93 -22.58 -13.13 -15.37
C GLU A 93 -22.03 -11.74 -15.64
N SER A 94 -20.71 -11.66 -15.82
CA SER A 94 -20.04 -10.39 -16.09
C SER A 94 -20.01 -10.12 -17.59
N GLU A 95 -19.52 -8.93 -17.94
CA GLU A 95 -19.21 -8.65 -19.32
C GLU A 95 -17.85 -9.25 -19.66
N PRO A 96 -17.59 -9.51 -20.94
CA PRO A 96 -16.28 -10.06 -21.30
C PRO A 96 -15.16 -9.06 -21.04
N VAL A 97 -14.05 -9.57 -20.53
CA VAL A 97 -12.86 -8.77 -20.30
C VAL A 97 -11.67 -9.51 -20.91
N VAL A 98 -10.79 -8.75 -21.57
CA VAL A 98 -9.58 -9.28 -22.18
C VAL A 98 -8.45 -9.09 -21.18
N ALA A 99 -7.63 -10.13 -21.00
CA ALA A 99 -6.49 -9.98 -20.10
C ALA A 99 -5.39 -9.26 -20.85
N LYS A 100 -5.26 -7.97 -20.56
CA LYS A 100 -4.25 -7.10 -21.13
C LYS A 100 -3.54 -6.41 -19.99
N ASN A 101 -2.30 -6.11 -20.21
CA ASN A 101 -1.72 -5.28 -19.18
C ASN A 101 -2.21 -3.84 -19.37
N PRO A 102 -2.48 -3.12 -18.28
CA PRO A 102 -3.01 -1.75 -18.40
C PRO A 102 -1.98 -0.82 -19.04
N PHE A 103 -2.48 0.25 -19.66
CA PHE A 103 -1.64 1.35 -20.09
C PHE A 103 -1.11 2.10 -18.89
N VAL A 104 0.09 2.65 -19.06
CA VAL A 104 0.81 3.33 -18.02
C VAL A 104 0.94 4.80 -18.38
N VAL A 105 0.90 5.67 -17.37
CA VAL A 105 1.06 7.11 -17.57
C VAL A 105 2.48 7.39 -18.03
N PRO A 106 2.76 8.52 -18.66
CA PRO A 106 4.12 8.80 -19.13
C PRO A 106 5.09 9.01 -17.98
N ASP A 107 6.38 8.92 -18.30
CA ASP A 107 7.40 9.27 -17.34
C ASP A 107 7.38 10.77 -17.10
N ALA A 108 7.91 11.19 -15.94
CA ALA A 108 7.98 12.60 -15.69
C ALA A 108 8.93 13.23 -16.69
N PRO A 109 8.54 14.32 -17.35
CA PRO A 109 9.43 14.97 -18.32
C PRO A 109 10.67 15.56 -17.67
N LYS A 110 11.61 15.92 -18.54
CA LYS A 110 12.75 16.73 -18.15
C LYS A 110 12.30 18.18 -17.89
N ALA A 111 13.10 18.92 -17.13
CA ALA A 111 12.66 20.26 -16.74
C ALA A 111 12.55 21.17 -17.96
N PRO A 112 11.53 22.03 -17.98
CA PRO A 112 11.38 22.98 -19.09
C PRO A 112 12.40 24.11 -18.99
N GLU A 113 12.42 24.92 -20.03
CA GLU A 113 13.36 26.03 -20.06
C GLU A 113 12.66 27.26 -20.53
N VAL A 114 13.06 28.40 -20.00
CA VAL A 114 12.46 29.64 -20.47
C VAL A 114 13.34 30.19 -21.58
N THR A 115 12.73 30.75 -22.63
CA THR A 115 13.51 31.35 -23.70
C THR A 115 13.22 32.83 -23.70
N THR A 116 12.19 33.29 -24.40
CA THR A 116 11.98 34.71 -24.63
C THR A 116 11.12 35.29 -23.51
N VAL A 117 11.61 36.38 -22.90
CA VAL A 117 11.01 37.00 -21.72
C VAL A 117 10.59 38.43 -22.06
N THR A 118 9.40 38.84 -21.60
CA THR A 118 9.05 40.26 -21.52
C THR A 118 8.65 40.55 -20.09
N LYS A 119 8.23 41.80 -19.82
CA LYS A 119 7.79 42.12 -18.47
C LYS A 119 6.52 41.39 -18.09
N ASP A 120 5.88 40.73 -19.04
CA ASP A 120 4.56 40.14 -18.83
C ASP A 120 4.42 38.76 -19.45
N SER A 121 5.50 38.18 -19.97
CA SER A 121 5.36 36.94 -20.73
C SER A 121 6.68 36.18 -20.75
N MET A 122 6.55 34.87 -20.86
CA MET A 122 7.69 34.00 -21.05
C MET A 122 7.28 32.87 -22.01
N ILE A 123 8.17 32.55 -22.92
CA ILE A 123 8.00 31.38 -23.77
C ILE A 123 8.73 30.24 -23.09
N VAL A 124 8.01 29.16 -22.80
CA VAL A 124 8.58 27.99 -22.15
C VAL A 124 8.57 26.83 -23.14
N VAL A 125 9.66 26.07 -23.19
CA VAL A 125 9.84 24.99 -24.15
C VAL A 125 10.31 23.77 -23.39
N TRP A 126 10.06 22.59 -23.97
CA TRP A 126 10.43 21.33 -23.31
C TRP A 126 10.63 20.28 -24.37
N GLU A 127 11.02 19.07 -23.95
CA GLU A 127 11.38 18.01 -24.88
C GLU A 127 10.36 16.88 -24.83
N ARG A 128 10.25 16.19 -25.99
CA ARG A 128 9.52 14.93 -26.11
C ARG A 128 10.31 13.84 -25.41
N PRO A 129 9.67 12.73 -25.06
CA PRO A 129 10.45 11.56 -24.64
C PRO A 129 11.54 11.28 -25.67
N ALA A 130 12.79 11.17 -25.20
CA ALA A 130 13.93 11.12 -26.09
C ALA A 130 13.74 10.02 -27.14
N SER A 131 13.17 8.90 -26.74
CA SER A 131 12.78 7.83 -27.64
C SER A 131 11.29 7.57 -27.48
N ASP A 132 10.65 7.23 -28.58
CA ASP A 132 9.20 7.05 -28.58
C ASP A 132 8.80 5.75 -27.89
N GLY A 133 9.18 5.60 -26.61
CA GLY A 133 8.54 4.59 -25.80
C GLY A 133 7.05 4.84 -25.78
N GLY A 134 6.29 3.74 -25.90
CA GLY A 134 4.85 3.78 -26.13
C GLY A 134 4.00 4.61 -25.19
N SER A 135 4.49 5.82 -24.89
CA SER A 135 3.73 6.72 -24.04
C SER A 135 2.49 7.24 -24.75
N GLU A 136 2.56 7.44 -26.06
CA GLU A 136 1.46 8.00 -26.84
C GLU A 136 0.94 9.27 -26.16
N ILE A 137 1.83 10.25 -26.08
CA ILE A 137 1.54 11.45 -25.32
C ILE A 137 0.53 12.30 -26.07
N LEU A 138 -0.49 12.76 -25.36
CA LEU A 138 -1.58 13.49 -25.98
C LEU A 138 -1.41 15.00 -25.83
N GLY A 139 -0.68 15.44 -24.82
CA GLY A 139 -0.51 16.85 -24.53
C GLY A 139 0.13 16.99 -23.17
N TYR A 140 0.34 18.24 -22.79
CA TYR A 140 1.12 18.59 -21.62
C TYR A 140 0.37 19.57 -20.74
N VAL A 141 0.69 19.56 -19.44
CA VAL A 141 0.18 20.55 -18.49
C VAL A 141 1.39 21.30 -17.95
N LEU A 142 1.42 22.61 -18.17
CA LEU A 142 2.49 23.47 -17.70
C LEU A 142 2.05 24.21 -16.43
N GLU A 143 2.86 24.16 -15.40
CA GLU A 143 2.52 24.84 -14.17
C GLU A 143 3.59 25.87 -13.85
N LYS A 144 3.17 26.94 -13.15
CA LYS A 144 4.07 27.99 -12.71
C LYS A 144 3.91 28.23 -11.21
N ARG A 145 4.95 28.77 -10.63
CA ARG A 145 4.88 29.22 -9.25
C ARG A 145 5.70 30.50 -9.11
N ASP A 146 5.05 31.53 -8.57
CA ASP A 146 5.67 32.77 -8.18
C ASP A 146 6.61 32.55 -6.99
N LYS A 147 7.78 33.21 -7.01
CA LYS A 147 8.72 33.11 -5.89
C LYS A 147 8.10 33.59 -4.59
N GLU A 148 7.12 34.49 -4.68
CA GLU A 148 6.41 35.00 -3.52
C GLU A 148 5.03 34.36 -3.37
N GLY A 149 4.83 33.18 -3.96
CA GLY A 149 3.56 32.52 -3.95
C GLY A 149 3.70 31.15 -3.29
N ILE A 150 2.56 30.53 -2.99
CA ILE A 150 2.54 29.31 -2.21
C ILE A 150 2.49 28.07 -3.09
N ARG A 151 1.63 28.07 -4.10
CA ARG A 151 1.30 26.84 -4.81
C ARG A 151 1.58 26.95 -6.30
N TRP A 152 1.72 25.77 -6.91
CA TRP A 152 1.84 25.68 -8.35
C TRP A 152 0.49 25.93 -8.99
N THR A 153 0.49 26.69 -10.08
CA THR A 153 -0.73 27.06 -10.78
C THR A 153 -0.64 26.67 -12.24
N ARG A 154 -1.79 26.35 -12.83
CA ARG A 154 -1.83 26.00 -14.24
C ARG A 154 -1.76 27.25 -15.10
N CYS A 155 -1.00 27.18 -16.19
CA CYS A 155 -0.91 28.31 -17.11
C CYS A 155 -1.95 28.25 -18.21
N HIS A 156 -2.89 27.31 -18.14
CA HIS A 156 -3.83 27.04 -19.22
C HIS A 156 -4.79 25.96 -18.76
N LYS A 157 -5.96 25.91 -19.38
CA LYS A 157 -6.84 24.77 -19.14
C LYS A 157 -6.54 23.63 -20.14
N ARG A 158 -6.97 22.43 -19.77
CA ARG A 158 -6.88 21.22 -20.60
C ARG A 158 -5.40 21.03 -20.96
N LEU A 159 -5.09 20.64 -22.19
CA LEU A 159 -3.73 20.24 -22.55
C LEU A 159 -3.08 21.15 -23.61
N ILE A 160 -1.76 21.26 -23.53
CA ILE A 160 -0.96 21.91 -24.56
C ILE A 160 -0.51 20.83 -25.53
N GLY A 161 -0.89 20.96 -26.79
CA GLY A 161 -0.59 19.96 -27.80
C GLY A 161 0.69 20.17 -28.57
N GLU A 162 1.67 20.86 -27.98
CA GLU A 162 2.98 21.07 -28.60
C GLU A 162 4.01 21.15 -27.50
N LEU A 163 5.27 21.33 -27.89
CA LEU A 163 6.36 21.33 -26.90
C LEU A 163 6.69 22.73 -26.35
N ARG A 164 5.75 23.65 -26.39
CA ARG A 164 6.04 25.05 -26.05
C ARG A 164 4.77 25.77 -25.67
N LEU A 165 4.92 26.81 -24.85
CA LEU A 165 3.77 27.64 -24.51
C LEU A 165 4.28 29.04 -24.21
N ARG A 166 3.64 30.05 -24.79
CA ARG A 166 3.95 31.41 -24.36
C ARG A 166 3.04 31.72 -23.19
N VAL A 167 3.60 31.73 -21.99
CA VAL A 167 2.83 32.00 -20.79
C VAL A 167 2.69 33.51 -20.63
N THR A 168 1.46 34.00 -20.55
CA THR A 168 1.16 35.41 -20.43
C THR A 168 0.59 35.72 -19.05
N GLY A 169 0.21 36.98 -18.84
CA GLY A 169 -0.40 37.38 -17.59
C GLY A 169 0.55 37.39 -16.41
N LEU A 170 1.85 37.45 -16.65
CA LEU A 170 2.87 37.45 -15.61
C LEU A 170 3.02 38.85 -15.03
N ILE A 171 3.34 38.93 -13.72
CA ILE A 171 3.43 40.20 -13.02
C ILE A 171 4.84 40.75 -13.17
N GLU A 172 4.95 41.99 -13.63
CA GLU A 172 6.27 42.54 -13.90
C GLU A 172 7.14 42.50 -12.65
N ASN A 173 8.40 42.07 -12.82
CA ASN A 173 9.43 41.95 -11.79
C ASN A 173 9.20 40.82 -10.80
N HIS A 174 8.18 39.97 -11.01
CA HIS A 174 8.07 38.77 -10.19
C HIS A 174 8.95 37.70 -10.82
N ASP A 175 9.40 36.75 -10.00
CA ASP A 175 10.21 35.63 -10.44
C ASP A 175 9.34 34.38 -10.45
N TYR A 176 9.41 33.64 -11.56
CA TYR A 176 8.57 32.46 -11.78
C TYR A 176 9.45 31.28 -12.13
N GLU A 177 9.06 30.10 -11.63
CA GLU A 177 9.64 28.82 -11.99
C GLU A 177 8.54 27.98 -12.63
N PHE A 178 8.93 27.07 -13.54
CA PHE A 178 7.94 26.31 -14.31
C PHE A 178 8.22 24.84 -14.19
N ARG A 179 7.15 24.05 -14.33
CA ARG A 179 7.32 22.61 -14.39
C ARG A 179 6.24 22.08 -15.32
N VAL A 180 6.51 20.94 -15.95
CA VAL A 180 5.62 20.49 -17.00
C VAL A 180 5.31 19.03 -16.71
N SER A 181 4.09 18.62 -17.05
CA SER A 181 3.68 17.23 -16.95
C SER A 181 3.10 16.77 -18.29
N ALA A 182 3.23 15.47 -18.57
CA ALA A 182 2.75 14.84 -19.80
C ALA A 182 1.61 13.87 -19.52
N GLU A 183 0.58 13.91 -20.35
CA GLU A 183 -0.63 13.11 -20.19
C GLU A 183 -0.81 12.21 -21.40
N ASN A 184 -1.14 10.95 -21.16
CA ASN A 184 -1.58 10.06 -22.22
C ASN A 184 -2.95 9.48 -21.87
N ALA A 185 -3.35 8.43 -22.57
CA ALA A 185 -4.67 7.87 -22.34
C ALA A 185 -4.76 7.29 -20.93
N ALA A 186 -3.64 6.96 -20.31
CA ALA A 186 -3.66 6.41 -18.97
C ALA A 186 -3.73 7.49 -17.89
N GLY A 187 -3.39 8.72 -18.20
CA GLY A 187 -3.49 9.77 -17.21
C GLY A 187 -2.28 10.69 -17.24
N LEU A 188 -2.09 11.41 -16.14
CA LEU A 188 -1.11 12.47 -16.01
C LEU A 188 0.18 11.97 -15.35
N SER A 189 1.32 12.38 -15.91
CA SER A 189 2.60 12.01 -15.35
C SER A 189 2.87 12.76 -14.05
N GLU A 190 3.88 12.30 -13.32
CA GLU A 190 4.41 13.13 -12.27
C GLU A 190 5.06 14.34 -12.91
N PRO A 191 5.10 15.48 -12.22
CA PRO A 191 5.71 16.67 -12.80
C PRO A 191 7.22 16.53 -12.93
N SER A 192 7.76 17.32 -13.88
CA SER A 192 9.18 17.46 -14.09
C SER A 192 9.84 18.26 -12.96
N PRO A 193 11.16 18.22 -12.85
CA PRO A 193 11.85 19.20 -12.05
C PRO A 193 11.50 20.59 -12.54
N PRO A 194 11.67 21.60 -11.71
CA PRO A 194 11.37 22.97 -12.12
C PRO A 194 12.50 23.59 -12.93
N SER A 195 12.13 24.58 -13.72
CA SER A 195 13.09 25.47 -14.38
C SER A 195 13.73 26.36 -13.31
N ALA A 196 14.84 27.00 -13.67
CA ALA A 196 15.36 28.04 -12.79
C ALA A 196 14.41 29.22 -12.81
N TYR A 197 14.37 29.95 -11.69
CA TYR A 197 13.51 31.11 -11.63
C TYR A 197 13.97 32.11 -12.67
N GLN A 198 13.01 32.73 -13.35
CA GLN A 198 13.27 33.83 -14.27
C GLN A 198 12.42 35.01 -13.83
N LYS A 199 12.99 36.21 -13.91
CA LYS A 199 12.25 37.43 -13.61
C LYS A 199 11.52 37.94 -14.84
N ALA A 200 10.25 38.27 -14.68
CA ALA A 200 9.47 38.89 -15.73
C ALA A 200 9.90 40.34 -15.89
N CYS A 201 10.73 40.61 -16.89
CA CYS A 201 11.15 41.98 -17.19
C CYS A 201 11.65 42.03 -18.63
N ASP A 202 11.51 43.18 -19.26
CA ASP A 202 11.97 43.35 -20.63
C ASP A 202 13.50 43.30 -20.69
N PRO A 203 14.08 42.49 -21.59
CA PRO A 203 15.55 42.44 -21.72
C PRO A 203 16.11 43.68 -22.37
N ILE A 204 17.38 43.96 -22.09
CA ILE A 204 18.07 45.04 -22.75
C ILE A 204 19.24 44.46 -23.53
N TYR A 205 19.50 45.03 -24.70
CA TYR A 205 20.56 44.58 -25.59
C TYR A 205 21.41 45.77 -26.00
N LYS A 206 22.64 45.47 -26.36
CA LYS A 206 23.60 46.46 -26.85
C LYS A 206 22.95 47.22 -28.01
N PRO A 207 23.23 48.52 -28.15
CA PRO A 207 22.53 49.30 -29.17
C PRO A 207 22.98 48.95 -30.58
N GLY A 208 22.16 49.37 -31.55
CA GLY A 208 22.52 49.26 -32.94
C GLY A 208 23.49 50.35 -33.34
N PRO A 209 23.87 50.34 -34.62
CA PRO A 209 24.84 51.33 -35.08
C PRO A 209 24.22 52.70 -35.18
N PRO A 210 24.99 53.76 -34.90
CA PRO A 210 24.52 55.12 -35.12
C PRO A 210 24.06 55.34 -36.56
N ASN A 211 23.12 56.25 -36.75
CA ASN A 211 22.46 56.45 -38.02
C ASN A 211 23.06 57.64 -38.77
N ASN A 212 23.15 57.51 -40.10
CA ASN A 212 23.67 58.54 -40.99
C ASN A 212 24.91 59.20 -40.39
N PRO A 213 26.00 58.46 -40.21
CA PRO A 213 27.28 59.11 -39.91
C PRO A 213 27.78 59.81 -41.16
N LYS A 214 28.20 61.07 -41.02
CA LYS A 214 28.60 61.88 -42.17
C LYS A 214 29.66 62.88 -41.73
N VAL A 215 30.39 63.42 -42.72
CA VAL A 215 31.36 64.49 -42.51
C VAL A 215 30.68 65.82 -42.78
N ILE A 216 30.97 66.82 -41.95
CA ILE A 216 30.33 68.14 -42.05
C ILE A 216 31.25 69.16 -42.71
N ASP A 217 32.47 69.28 -42.22
CA ASP A 217 33.47 70.12 -42.83
C ASP A 217 34.84 69.63 -42.39
N ILE A 218 35.87 70.06 -43.13
CA ILE A 218 37.24 69.66 -42.89
C ILE A 218 38.08 70.94 -42.81
N THR A 219 39.09 70.95 -41.93
CA THR A 219 40.04 72.05 -41.81
C THR A 219 41.46 71.51 -41.95
N ARG A 220 42.45 72.38 -41.68
CA ARG A 220 43.84 71.97 -41.84
C ARG A 220 44.24 70.89 -40.85
N SER A 221 43.49 70.71 -39.74
CA SER A 221 43.84 69.71 -38.74
C SER A 221 42.61 69.10 -38.06
N SER A 222 41.40 69.29 -38.57
CA SER A 222 40.22 68.82 -37.88
C SER A 222 39.14 68.36 -38.86
N VAL A 223 38.29 67.45 -38.38
CA VAL A 223 37.18 66.89 -39.15
C VAL A 223 35.90 66.91 -38.30
N PHE A 224 34.81 67.40 -38.90
CA PHE A 224 33.53 67.53 -38.22
C PHE A 224 32.63 66.38 -38.64
N LEU A 225 32.16 65.62 -37.67
CA LEU A 225 31.32 64.48 -37.93
C LEU A 225 29.97 64.73 -37.30
N SER A 226 28.97 64.03 -37.83
CA SER A 226 27.61 64.07 -37.31
C SER A 226 26.94 62.75 -37.62
N TRP A 227 25.99 62.40 -36.77
CA TRP A 227 25.22 61.18 -36.91
C TRP A 227 23.86 61.41 -36.24
N SER A 228 23.08 60.35 -36.15
CA SER A 228 21.81 60.43 -35.46
C SER A 228 21.64 59.16 -34.65
N LYS A 229 20.64 59.18 -33.78
CA LYS A 229 20.38 58.09 -32.85
C LYS A 229 20.28 56.76 -33.61
N PRO A 230 20.78 55.66 -33.04
CA PRO A 230 20.59 54.36 -33.70
C PRO A 230 19.11 54.05 -33.81
N ILE A 231 18.76 53.40 -34.93
CA ILE A 231 17.38 52.97 -35.13
C ILE A 231 16.96 52.00 -34.03
N TYR A 232 17.83 51.07 -33.68
CA TYR A 232 17.59 50.13 -32.61
C TYR A 232 18.42 50.55 -31.39
N ASP A 233 17.73 50.95 -30.32
CA ASP A 233 18.41 51.41 -29.10
C ASP A 233 18.59 50.28 -28.10
N GLY A 234 18.12 49.08 -28.43
CA GLY A 234 18.29 47.94 -27.54
C GLY A 234 17.36 47.96 -26.37
N GLY A 235 16.20 48.58 -26.51
CA GLY A 235 15.26 48.70 -25.39
C GLY A 235 15.83 49.43 -24.20
N CYS A 236 16.73 50.37 -24.46
CA CYS A 236 17.61 50.89 -23.43
C CYS A 236 18.00 52.30 -23.85
N GLU A 237 18.47 53.10 -22.90
CA GLU A 237 18.73 54.51 -23.14
C GLU A 237 20.16 54.74 -23.62
N ILE A 238 20.30 55.36 -24.80
CA ILE A 238 21.61 55.71 -25.34
C ILE A 238 22.23 56.78 -24.44
N GLN A 239 23.34 56.45 -23.78
CA GLN A 239 23.98 57.35 -22.85
C GLN A 239 25.22 58.04 -23.41
N GLY A 240 25.58 57.72 -24.65
CA GLY A 240 26.77 58.31 -25.22
C GLY A 240 27.27 57.52 -26.39
N TYR A 241 28.25 58.12 -27.07
CA TYR A 241 28.81 57.64 -28.32
C TYR A 241 30.33 57.64 -28.25
N ILE A 242 30.95 56.61 -28.80
CA ILE A 242 32.40 56.53 -28.91
C ILE A 242 32.78 56.78 -30.36
N VAL A 243 33.82 57.59 -30.58
CA VAL A 243 34.32 57.89 -31.92
C VAL A 243 35.77 57.41 -31.98
N GLU A 244 36.13 56.77 -33.10
CA GLU A 244 37.46 56.22 -33.33
C GLU A 244 37.97 56.70 -34.69
N LYS A 245 39.30 56.82 -34.80
CA LYS A 245 39.96 57.28 -36.03
C LYS A 245 41.05 56.31 -36.47
N CYS A 246 41.27 56.24 -37.79
CA CYS A 246 42.33 55.41 -38.34
C CYS A 246 43.10 56.16 -39.42
N ASP A 247 44.43 56.20 -39.30
CA ASP A 247 45.23 56.73 -40.40
C ASP A 247 45.36 55.62 -41.44
N VAL A 248 45.06 55.94 -42.69
CA VAL A 248 45.06 54.85 -43.67
C VAL A 248 46.47 54.41 -43.99
N SER A 249 47.47 55.22 -43.68
CA SER A 249 48.85 54.80 -43.84
C SER A 249 49.29 53.91 -42.69
N VAL A 250 48.69 54.08 -41.51
CA VAL A 250 49.10 53.35 -40.32
C VAL A 250 48.21 52.13 -40.12
N GLY A 251 46.92 52.34 -39.94
CA GLY A 251 45.99 51.24 -39.78
C GLY A 251 45.54 50.95 -38.36
N GLU A 252 45.93 51.76 -37.38
CA GLU A 252 45.55 51.51 -35.99
C GLU A 252 44.42 52.44 -35.58
N TRP A 253 43.29 51.87 -35.23
CA TRP A 253 42.13 52.64 -34.80
C TRP A 253 42.40 53.18 -33.41
N THR A 254 42.66 54.47 -33.30
CA THR A 254 42.83 55.10 -31.99
C THR A 254 41.53 55.76 -31.55
N MET A 255 41.41 55.95 -30.24
CA MET A 255 40.21 56.55 -29.67
C MET A 255 40.23 58.06 -29.81
N CYS A 256 39.04 58.63 -29.93
CA CYS A 256 38.84 60.08 -29.98
C CYS A 256 37.89 60.56 -28.90
N THR A 257 37.58 59.68 -27.95
CA THR A 257 36.68 59.99 -26.84
C THR A 257 37.15 59.19 -25.66
N PRO A 258 36.91 59.65 -24.43
CA PRO A 258 36.98 58.75 -23.29
C PRO A 258 36.05 57.58 -23.50
N PRO A 259 36.34 56.42 -22.91
CA PRO A 259 35.42 55.28 -23.02
C PRO A 259 34.00 55.62 -22.61
N THR A 260 33.82 56.61 -21.74
CA THR A 260 32.48 57.05 -21.38
C THR A 260 31.70 57.50 -22.60
N GLY A 261 32.39 58.13 -23.55
CA GLY A 261 31.74 58.58 -24.76
C GLY A 261 31.42 60.05 -24.73
N ILE A 262 30.59 60.45 -25.68
CA ILE A 262 30.19 61.82 -25.94
C ILE A 262 28.67 61.91 -26.00
N ASN A 263 28.10 62.89 -25.29
CA ASN A 263 26.63 63.03 -25.26
C ASN A 263 26.08 63.98 -26.31
N LYS A 264 26.59 63.93 -27.54
CA LYS A 264 26.08 64.72 -28.65
C LYS A 264 26.19 63.87 -29.91
N THR A 265 25.34 64.18 -30.89
CA THR A 265 25.50 63.56 -32.20
C THR A 265 26.56 64.26 -33.08
N ASN A 266 27.43 65.11 -32.52
CA ASN A 266 28.50 65.79 -33.24
C ASN A 266 29.81 65.64 -32.50
N ILE A 267 30.91 65.72 -33.25
CA ILE A 267 32.25 65.71 -32.66
C ILE A 267 33.15 66.53 -33.56
N GLU A 268 34.17 67.15 -32.95
CA GLU A 268 35.25 67.78 -33.70
C GLU A 268 36.54 67.06 -33.33
N VAL A 269 36.99 66.20 -34.24
CA VAL A 269 38.24 65.47 -34.11
C VAL A 269 39.36 66.41 -34.50
N GLU A 270 40.32 66.62 -33.61
CA GLU A 270 41.30 67.67 -33.80
C GLU A 270 42.71 67.10 -33.66
N LYS A 271 43.68 67.97 -33.97
CA LYS A 271 45.10 67.63 -33.99
C LYS A 271 45.42 66.49 -34.97
N LEU A 272 44.71 66.49 -36.09
CA LEU A 272 44.91 65.46 -37.09
C LEU A 272 46.06 65.90 -37.99
N LEU A 273 46.81 64.91 -38.48
CA LEU A 273 47.98 65.25 -39.30
C LEU A 273 47.52 65.79 -40.64
N GLU A 274 48.15 66.86 -41.08
CA GLU A 274 47.71 67.58 -42.26
C GLU A 274 48.00 66.77 -43.51
N LYS A 275 47.06 66.79 -44.45
CA LYS A 275 47.13 66.05 -45.72
C LYS A 275 47.21 64.54 -45.54
N HIS A 276 46.99 64.04 -44.33
CA HIS A 276 46.85 62.62 -44.11
C HIS A 276 45.41 62.21 -44.44
N GLU A 277 45.19 60.90 -44.45
CA GLU A 277 43.93 60.31 -44.89
C GLU A 277 43.39 59.45 -43.76
N TYR A 278 42.13 59.68 -43.38
CA TYR A 278 41.56 59.00 -42.22
C TYR A 278 40.24 58.31 -42.52
N ASN A 279 39.94 57.29 -41.74
CA ASN A 279 38.61 56.71 -41.62
C ASN A 279 38.13 56.92 -40.20
N PHE A 280 36.81 56.95 -40.00
CA PHE A 280 36.23 57.26 -38.69
C PHE A 280 35.07 56.30 -38.38
N ARG A 281 35.06 55.75 -37.16
CA ARG A 281 33.99 54.86 -36.70
C ARG A 281 33.26 55.50 -35.54
N ILE A 282 31.95 55.33 -35.50
CA ILE A 282 31.15 55.82 -34.38
C ILE A 282 30.35 54.68 -33.79
N CYS A 283 30.31 54.61 -32.45
CA CYS A 283 29.63 53.57 -31.68
C CYS A 283 28.71 54.21 -30.66
N ALA A 284 27.61 53.50 -30.34
CA ALA A 284 26.65 53.92 -29.35
C ALA A 284 26.77 53.10 -28.07
N ILE A 285 26.44 53.69 -26.93
CA ILE A 285 26.58 53.04 -25.64
C ILE A 285 25.22 52.95 -24.95
N ASN A 286 24.90 51.74 -24.46
CA ASN A 286 23.76 51.33 -23.64
C ASN A 286 24.21 51.00 -22.23
N LYS A 287 23.23 50.82 -21.35
CA LYS A 287 23.55 50.16 -20.09
C LYS A 287 24.06 48.76 -20.34
N ALA A 288 23.71 48.19 -21.51
CA ALA A 288 24.09 46.84 -21.89
C ALA A 288 25.52 46.78 -22.43
N GLY A 289 25.99 47.83 -23.10
CA GLY A 289 27.37 47.87 -23.58
C GLY A 289 27.50 48.81 -24.77
N VAL A 290 28.58 48.58 -25.54
CA VAL A 290 28.87 49.34 -26.75
C VAL A 290 28.43 48.53 -27.96
N GLY A 291 27.53 49.10 -28.76
CA GLY A 291 26.98 48.40 -29.91
C GLY A 291 27.90 48.50 -31.11
N GLU A 292 27.41 47.98 -32.22
CA GLU A 292 28.19 47.91 -33.46
C GLU A 292 28.59 49.30 -33.94
N HIS A 293 29.77 49.38 -34.55
CA HIS A 293 30.21 50.65 -35.10
C HIS A 293 29.55 50.94 -36.44
N ALA A 294 29.37 52.22 -36.72
CA ALA A 294 28.96 52.68 -38.03
C ALA A 294 30.13 53.44 -38.64
N ASP A 295 30.50 53.08 -39.87
CA ASP A 295 31.66 53.65 -40.54
C ASP A 295 31.24 54.91 -41.27
N VAL A 296 32.03 55.97 -41.12
CA VAL A 296 31.77 57.22 -41.86
C VAL A 296 32.09 57.00 -43.33
N PRO A 297 31.32 57.56 -44.28
CA PRO A 297 31.56 57.29 -45.71
C PRO A 297 32.96 57.67 -46.14
N GLY A 298 33.63 56.72 -46.80
CA GLY A 298 34.88 56.97 -47.50
C GLY A 298 36.00 57.44 -46.59
N PRO A 299 37.22 57.43 -47.10
CA PRO A 299 38.32 58.11 -46.41
C PRO A 299 38.30 59.61 -46.67
N ILE A 300 38.88 60.34 -45.73
CA ILE A 300 38.82 61.80 -45.72
C ILE A 300 40.24 62.33 -45.69
N ILE A 301 40.52 63.33 -46.53
CA ILE A 301 41.80 64.00 -46.53
C ILE A 301 41.62 65.26 -45.73
N VAL A 302 42.49 65.46 -44.74
CA VAL A 302 42.42 66.61 -43.85
C VAL A 302 43.07 67.77 -44.62
N GLU A 303 42.27 68.70 -45.12
CA GLU A 303 42.77 69.77 -45.97
C GLU A 303 41.89 71.01 -45.80
N GLU A 304 42.09 72.02 -46.66
CA GLU A 304 41.19 73.17 -46.66
C GLU A 304 40.76 73.60 -48.05
N GLY B 1 39.57 21.00 -5.45
CA GLY B 1 39.47 22.32 -6.04
C GLY B 1 38.78 23.35 -5.17
N ALA B 2 38.35 24.45 -5.79
CA ALA B 2 37.60 25.51 -5.14
C ALA B 2 36.09 25.31 -5.22
N MET B 3 35.60 24.72 -6.31
CA MET B 3 34.18 24.56 -6.56
C MET B 3 33.75 23.09 -6.52
N ASP B 4 34.40 22.29 -5.69
CA ASP B 4 34.09 20.88 -5.60
C ASP B 4 32.62 20.59 -5.27
N ARG B 5 32.00 19.83 -6.17
CA ARG B 5 30.67 19.31 -5.94
C ARG B 5 30.78 18.17 -4.93
N PRO B 6 29.66 17.74 -4.37
CA PRO B 6 29.73 16.74 -3.28
C PRO B 6 30.06 15.35 -3.79
N GLY B 7 30.55 14.53 -2.86
CA GLY B 7 30.74 13.13 -3.09
C GLY B 7 29.41 12.40 -3.02
N PRO B 8 29.46 11.08 -3.20
CA PRO B 8 28.23 10.32 -3.18
C PRO B 8 27.70 10.23 -1.76
N PRO B 9 26.41 10.21 -1.60
CA PRO B 9 25.82 9.89 -0.30
C PRO B 9 26.37 8.59 0.26
N GLU B 10 26.31 8.45 1.57
CA GLU B 10 27.01 7.36 2.23
C GLU B 10 26.06 6.20 2.50
N GLY B 11 26.64 5.02 2.64
CA GLY B 11 25.96 3.86 3.15
C GLY B 11 25.32 3.11 2.01
N PRO B 12 25.01 1.84 2.22
CA PRO B 12 24.12 1.15 1.27
C PRO B 12 22.76 1.79 1.31
N VAL B 13 22.17 2.00 0.13
CA VAL B 13 20.77 2.43 0.12
C VAL B 13 19.94 1.34 0.75
N VAL B 14 19.09 1.73 1.70
CA VAL B 14 18.29 0.77 2.44
C VAL B 14 16.85 0.92 1.96
N ILE B 15 16.35 -0.15 1.38
CA ILE B 15 15.06 -0.16 0.73
C ILE B 15 14.09 -0.82 1.69
N SER B 16 12.92 -0.22 1.87
CA SER B 16 11.96 -0.71 2.85
C SER B 16 10.55 -0.35 2.38
N GLY B 17 9.57 -0.99 3.00
CA GLY B 17 8.18 -0.69 2.70
C GLY B 17 7.78 -1.02 1.29
N VAL B 18 8.40 -2.04 0.70
CA VAL B 18 8.16 -2.37 -0.70
C VAL B 18 6.77 -2.97 -0.84
N THR B 19 5.92 -2.37 -1.67
CA THR B 19 4.70 -3.03 -2.10
C THR B 19 4.72 -3.15 -3.62
N ALA B 20 3.56 -3.32 -4.24
CA ALA B 20 3.49 -3.38 -5.70
C ALA B 20 3.50 -2.01 -6.34
N GLU B 21 3.37 -0.94 -5.54
CA GLU B 21 3.27 0.41 -6.09
C GLU B 21 4.19 1.42 -5.42
N LYS B 22 4.79 1.12 -4.27
CA LYS B 22 5.58 2.11 -3.54
C LYS B 22 6.79 1.43 -2.92
N CYS B 23 7.69 2.26 -2.42
CA CYS B 23 8.79 1.81 -1.58
C CYS B 23 9.41 3.04 -0.94
N THR B 24 10.31 2.79 0.00
CA THR B 24 11.00 3.82 0.79
C THR B 24 12.51 3.60 0.69
N LEU B 25 13.25 4.68 0.45
CA LEU B 25 14.70 4.59 0.39
C LEU B 25 15.29 5.46 1.48
N ALA B 26 16.43 5.04 2.03
CA ALA B 26 17.09 5.87 3.01
C ALA B 26 18.60 5.80 2.82
N TRP B 27 19.26 6.92 3.04
CA TRP B 27 20.70 7.06 2.86
C TRP B 27 21.23 7.95 3.95
N LYS B 28 22.55 8.09 4.00
CA LYS B 28 23.22 9.00 4.91
C LYS B 28 24.06 10.00 4.10
N PRO B 29 24.37 11.17 4.67
CA PRO B 29 25.06 12.24 3.90
C PRO B 29 26.41 11.80 3.39
N PRO B 30 26.94 12.46 2.36
CA PRO B 30 28.26 12.08 1.86
C PRO B 30 29.35 12.33 2.88
N LEU B 31 30.34 11.43 2.90
CA LEU B 31 31.52 11.66 3.74
C LEU B 31 32.27 12.90 3.27
N GLN B 32 32.24 13.19 1.97
CA GLN B 32 32.73 14.47 1.46
C GLN B 32 31.57 15.26 0.88
N ASP B 33 31.41 16.48 1.37
CA ASP B 33 30.41 17.43 0.90
C ASP B 33 30.98 18.45 -0.07
N GLY B 34 32.29 18.39 -0.34
CA GLY B 34 32.94 19.28 -1.27
C GLY B 34 33.40 20.59 -0.67
N GLY B 35 33.20 20.80 0.64
CA GLY B 35 33.58 22.05 1.26
C GLY B 35 32.44 23.04 1.42
N SER B 36 31.26 22.74 0.90
CA SER B 36 30.07 23.58 1.02
C SER B 36 28.93 22.72 1.51
N ASP B 37 27.95 23.36 2.12
CA ASP B 37 26.87 22.61 2.72
C ASP B 37 25.99 21.95 1.66
N ILE B 38 25.48 20.78 2.00
CA ILE B 38 24.57 20.07 1.12
C ILE B 38 23.20 20.73 1.24
N ILE B 39 22.70 21.27 0.12
CA ILE B 39 21.44 22.00 0.13
C ILE B 39 20.25 21.05 0.02
N ASN B 40 20.34 20.08 -0.90
CA ASN B 40 19.25 19.13 -1.09
C ASN B 40 19.78 17.88 -1.78
N TYR B 41 18.93 16.88 -1.87
CA TYR B 41 19.27 15.64 -2.54
C TYR B 41 18.38 15.51 -3.77
N ILE B 42 18.84 14.69 -4.71
CA ILE B 42 18.08 14.33 -5.90
C ILE B 42 17.93 12.82 -5.90
N VAL B 43 16.69 12.36 -6.06
CA VAL B 43 16.38 10.94 -6.14
C VAL B 43 15.90 10.65 -7.54
N GLU B 44 16.48 9.64 -8.17
CA GLU B 44 16.12 9.25 -9.53
C GLU B 44 15.87 7.76 -9.54
N ARG B 45 14.94 7.33 -10.39
CA ARG B 45 14.61 5.92 -10.57
C ARG B 45 14.83 5.50 -12.03
N ARG B 46 15.14 4.22 -12.21
CA ARG B 46 15.32 3.70 -13.56
C ARG B 46 14.90 2.23 -13.55
N GLU B 47 13.81 1.91 -14.24
CA GLU B 47 13.50 0.51 -14.49
C GLU B 47 14.71 -0.18 -15.11
N THR B 48 14.93 -1.43 -14.73
CA THR B 48 16.19 -2.10 -15.05
C THR B 48 16.42 -2.24 -16.56
N SER B 49 15.38 -2.33 -17.38
CA SER B 49 15.64 -2.45 -18.82
C SER B 49 16.17 -1.15 -19.42
N ARG B 50 15.93 -0.01 -18.80
CA ARG B 50 16.16 1.27 -19.44
C ARG B 50 17.54 1.82 -19.09
N LEU B 51 17.94 2.84 -19.85
CA LEU B 51 19.16 3.59 -19.61
C LEU B 51 18.91 4.99 -19.10
N VAL B 52 17.76 5.58 -19.40
CA VAL B 52 17.50 6.95 -19.02
C VAL B 52 16.98 6.97 -17.58
N TRP B 53 17.60 7.82 -16.76
CA TRP B 53 17.15 8.03 -15.40
C TRP B 53 15.98 9.01 -15.39
N THR B 54 14.98 8.69 -14.58
CA THR B 54 13.78 9.49 -14.39
C THR B 54 13.73 10.01 -12.96
N VAL B 55 13.35 11.27 -12.81
CA VAL B 55 13.43 11.95 -11.52
C VAL B 55 12.25 11.54 -10.64
N VAL B 56 12.54 11.22 -9.39
CA VAL B 56 11.46 10.99 -8.44
C VAL B 56 11.11 12.28 -7.71
N ASP B 57 12.12 13.01 -7.26
CA ASP B 57 11.97 14.26 -6.50
C ASP B 57 13.31 14.96 -6.59
N ALA B 58 13.34 16.20 -7.09
CA ALA B 58 14.61 16.88 -7.29
C ALA B 58 14.95 17.82 -6.14
N ASN B 59 14.16 17.82 -5.07
CA ASN B 59 14.37 18.69 -3.91
C ASN B 59 14.00 17.94 -2.63
N VAL B 60 14.85 16.99 -2.25
CA VAL B 60 14.68 16.20 -1.04
C VAL B 60 15.57 16.82 0.04
N GLN B 61 14.95 17.42 1.06
CA GLN B 61 15.62 17.95 2.26
C GLN B 61 15.51 16.98 3.43
N THR B 62 15.92 15.74 3.20
CA THR B 62 15.74 14.62 4.11
C THR B 62 16.80 13.60 3.75
N LEU B 63 17.01 12.62 4.63
CA LEU B 63 17.85 11.48 4.27
C LEU B 63 17.02 10.28 3.84
N SER B 64 15.77 10.50 3.43
CA SER B 64 14.87 9.42 3.03
C SER B 64 13.89 9.92 1.98
N CYS B 65 13.35 8.99 1.19
CA CYS B 65 12.37 9.32 0.14
C CYS B 65 11.38 8.17 -0.04
N LYS B 66 10.11 8.50 -0.09
CA LYS B 66 9.09 7.50 -0.35
C LYS B 66 8.71 7.62 -1.81
N VAL B 67 9.01 6.58 -2.56
CA VAL B 67 8.72 6.52 -3.97
C VAL B 67 7.36 5.90 -4.16
N THR B 68 6.55 6.52 -5.01
CA THR B 68 5.25 6.00 -5.35
C THR B 68 5.15 5.82 -6.86
N LYS B 69 3.94 5.50 -7.33
CA LYS B 69 3.69 5.24 -8.76
C LYS B 69 4.63 4.19 -9.32
N LEU B 70 5.05 3.23 -8.48
CA LEU B 70 5.79 2.09 -8.99
C LEU B 70 4.81 1.13 -9.68
N LEU B 71 5.35 0.14 -10.41
CA LEU B 71 4.56 -0.70 -11.29
C LEU B 71 4.79 -2.17 -10.94
N GLU B 72 3.70 -2.90 -10.65
CA GLU B 72 3.83 -4.25 -10.11
C GLU B 72 4.58 -5.17 -11.06
N GLY B 73 5.54 -5.91 -10.52
CA GLY B 73 6.35 -6.83 -11.29
C GLY B 73 7.62 -6.27 -11.86
N ASN B 74 7.75 -4.94 -11.95
CA ASN B 74 8.94 -4.34 -12.53
C ASN B 74 10.05 -4.24 -11.51
N GLU B 75 11.28 -4.35 -11.99
CA GLU B 75 12.48 -4.26 -11.19
C GLU B 75 13.08 -2.87 -11.39
N TYR B 76 13.35 -2.18 -10.30
CA TYR B 76 13.87 -0.82 -10.36
C TYR B 76 15.22 -0.73 -9.68
N THR B 77 16.02 0.25 -10.11
CA THR B 77 17.22 0.67 -9.43
C THR B 77 17.11 2.17 -9.19
N PHE B 78 17.59 2.65 -8.04
CA PHE B 78 17.55 4.06 -7.69
C PHE B 78 18.95 4.60 -7.48
N ARG B 79 19.11 5.89 -7.74
CA ARG B 79 20.36 6.58 -7.46
C ARG B 79 20.03 7.85 -6.67
N ILE B 80 20.88 8.19 -5.71
CA ILE B 80 20.69 9.41 -4.94
C ILE B 80 21.93 10.29 -5.09
N MET B 81 21.71 11.58 -5.33
CA MET B 81 22.77 12.56 -5.47
C MET B 81 22.61 13.72 -4.49
N ALA B 82 23.72 14.19 -3.96
CA ALA B 82 23.75 15.37 -3.12
C ALA B 82 24.06 16.61 -3.96
N VAL B 83 23.55 17.74 -3.53
CA VAL B 83 23.70 19.00 -4.24
C VAL B 83 24.24 20.04 -3.28
N ASN B 84 25.20 20.84 -3.77
CA ASN B 84 25.64 22.00 -3.01
C ASN B 84 25.62 23.21 -3.94
N LYS B 85 26.20 24.32 -3.49
CA LYS B 85 26.12 25.56 -4.27
C LYS B 85 26.77 25.41 -5.64
N TYR B 86 27.65 24.45 -5.81
CA TYR B 86 28.33 24.29 -7.07
C TYR B 86 27.73 23.18 -7.92
N GLY B 87 26.61 22.60 -7.51
CA GLY B 87 25.99 21.66 -8.41
C GLY B 87 25.81 20.26 -7.87
N VAL B 88 25.55 19.29 -8.77
CA VAL B 88 25.15 17.95 -8.39
C VAL B 88 26.38 17.06 -8.30
N GLY B 89 26.48 16.31 -7.20
CA GLY B 89 27.62 15.43 -6.95
C GLY B 89 27.41 14.04 -7.51
N GLU B 90 28.38 13.16 -7.22
CA GLU B 90 28.37 11.83 -7.80
C GLU B 90 27.22 11.00 -7.22
N PRO B 91 26.67 10.08 -7.99
CA PRO B 91 25.50 9.33 -7.53
C PRO B 91 25.85 8.15 -6.64
N LEU B 92 24.90 7.82 -5.76
CA LEU B 92 24.91 6.58 -5.02
C LEU B 92 23.73 5.76 -5.54
N GLU B 93 24.02 4.57 -6.09
CA GLU B 93 23.04 3.69 -6.71
C GLU B 93 22.67 2.57 -5.74
N SER B 94 21.40 2.16 -5.80
CA SER B 94 20.86 1.12 -4.93
C SER B 94 21.01 -0.27 -5.55
N GLU B 95 20.61 -1.30 -4.79
CA GLU B 95 20.49 -2.63 -5.37
C GLU B 95 19.15 -2.71 -6.10
N PRO B 96 19.01 -3.58 -7.11
CA PRO B 96 17.72 -3.69 -7.82
C PRO B 96 16.64 -4.21 -6.90
N VAL B 97 15.44 -3.62 -7.02
CA VAL B 97 14.30 -4.05 -6.22
C VAL B 97 13.07 -4.21 -7.11
N VAL B 98 12.32 -5.28 -6.87
CA VAL B 98 11.11 -5.60 -7.62
C VAL B 98 9.91 -5.11 -6.84
N ALA B 99 8.97 -4.47 -7.54
CA ALA B 99 7.75 -3.99 -6.90
C ALA B 99 6.77 -5.16 -6.80
N LYS B 100 6.73 -5.79 -5.63
CA LYS B 100 5.80 -6.88 -5.34
C LYS B 100 5.16 -6.59 -4.00
N ASN B 101 3.96 -7.08 -3.81
CA ASN B 101 3.34 -6.90 -2.51
C ASN B 101 4.00 -7.83 -1.50
N PRO B 102 4.22 -7.38 -0.26
CA PRO B 102 4.88 -8.26 0.72
C PRO B 102 4.03 -9.48 1.02
N PHE B 103 4.71 -10.57 1.41
CA PHE B 103 3.99 -11.72 1.93
C PHE B 103 3.38 -11.35 3.26
N VAL B 104 2.12 -11.73 3.46
CA VAL B 104 1.35 -11.30 4.61
C VAL B 104 0.92 -12.51 5.43
N VAL B 105 0.83 -12.28 6.74
CA VAL B 105 0.48 -13.28 7.73
C VAL B 105 -0.92 -13.85 7.44
N PRO B 106 -1.25 -15.05 7.90
CA PRO B 106 -2.56 -15.63 7.56
C PRO B 106 -3.69 -14.89 8.25
N ASP B 107 -4.90 -15.13 7.74
CA ASP B 107 -6.09 -14.60 8.37
C ASP B 107 -6.39 -15.36 9.66
N ALA B 108 -7.06 -14.69 10.59
CA ALA B 108 -7.38 -15.35 11.85
C ALA B 108 -8.31 -16.53 11.57
N PRO B 109 -7.98 -17.71 12.05
CA PRO B 109 -8.83 -18.89 11.84
C PRO B 109 -10.19 -18.72 12.48
N LYS B 110 -11.09 -19.66 12.14
CA LYS B 110 -12.37 -19.81 12.83
C LYS B 110 -12.15 -20.44 14.20
N ALA B 111 -13.11 -20.22 15.09
CA ALA B 111 -12.92 -20.70 16.45
C ALA B 111 -12.80 -22.22 16.47
N PRO B 112 -11.92 -22.77 17.28
CA PRO B 112 -11.82 -24.22 17.41
C PRO B 112 -12.99 -24.77 18.23
N GLU B 113 -13.09 -26.10 18.24
CA GLU B 113 -14.17 -26.81 18.93
C GLU B 113 -13.55 -28.03 19.58
N VAL B 114 -14.06 -28.39 20.73
CA VAL B 114 -13.60 -29.57 21.45
C VAL B 114 -14.46 -30.74 21.04
N THR B 115 -13.86 -31.93 20.91
CA THR B 115 -14.66 -33.11 20.61
C THR B 115 -14.61 -34.06 21.79
N THR B 116 -13.67 -35.00 21.83
CA THR B 116 -13.67 -36.03 22.86
C THR B 116 -12.86 -35.57 24.07
N VAL B 117 -13.47 -35.72 25.26
CA VAL B 117 -12.92 -35.22 26.52
C VAL B 117 -12.63 -36.37 27.46
N THR B 118 -11.50 -36.29 28.18
CA THR B 118 -11.25 -37.12 29.37
C THR B 118 -10.91 -36.21 30.56
N LYS B 119 -10.66 -36.82 31.73
CA LYS B 119 -10.32 -36.03 32.90
C LYS B 119 -8.98 -35.33 32.78
N ASP B 120 -8.25 -35.60 31.71
CA ASP B 120 -6.89 -35.09 31.58
C ASP B 120 -6.57 -34.64 30.18
N SER B 121 -7.53 -34.67 29.25
CA SER B 121 -7.24 -34.44 27.83
C SER B 121 -8.49 -33.97 27.11
N MET B 122 -8.27 -33.21 26.05
CA MET B 122 -9.33 -32.82 25.13
C MET B 122 -8.77 -32.85 23.72
N ILE B 123 -9.56 -33.40 22.82
CA ILE B 123 -9.27 -33.33 21.40
C ILE B 123 -9.94 -32.05 20.92
N VAL B 124 -9.12 -31.16 20.37
CA VAL B 124 -9.55 -29.86 19.86
C VAL B 124 -9.28 -29.83 18.35
N VAL B 125 -10.23 -29.32 17.58
CA VAL B 125 -10.16 -29.35 16.12
C VAL B 125 -10.49 -27.98 15.56
N TRP B 126 -10.01 -27.71 14.35
CA TRP B 126 -10.27 -26.42 13.68
C TRP B 126 -10.23 -26.62 12.17
N GLU B 127 -10.44 -25.56 11.40
CA GLU B 127 -10.52 -25.69 9.94
C GLU B 127 -9.43 -24.90 9.21
N ARG B 128 -9.18 -25.33 7.97
CA ARG B 128 -8.26 -24.67 7.03
C ARG B 128 -8.98 -23.43 6.53
N PRO B 129 -8.29 -22.39 6.01
CA PRO B 129 -8.98 -21.21 5.50
C PRO B 129 -9.98 -21.55 4.39
N ALA B 130 -11.13 -20.87 4.41
CA ALA B 130 -12.28 -20.98 3.48
C ALA B 130 -11.81 -21.50 2.13
N SER B 131 -11.00 -20.70 1.44
CA SER B 131 -10.31 -21.18 0.23
C SER B 131 -8.86 -20.75 0.43
N ASP B 132 -7.90 -21.63 0.17
CA ASP B 132 -6.48 -21.29 0.43
C ASP B 132 -5.97 -20.28 -0.59
N GLY B 133 -6.24 -19.00 -0.31
CA GLY B 133 -5.81 -17.83 -1.10
C GLY B 133 -4.38 -17.45 -0.81
N GLY B 134 -3.44 -18.33 -1.19
CA GLY B 134 -1.99 -18.10 -1.08
C GLY B 134 -1.48 -17.89 0.32
N SER B 135 -2.15 -18.46 1.32
CA SER B 135 -1.62 -18.25 2.69
C SER B 135 -0.41 -19.14 2.95
N GLU B 136 -0.33 -20.30 2.30
CA GLU B 136 0.81 -21.24 2.48
C GLU B 136 1.08 -21.45 3.97
N ILE B 137 0.09 -21.99 4.68
CA ILE B 137 0.14 -22.21 6.15
C ILE B 137 1.13 -23.32 6.48
N LEU B 138 2.06 -23.06 7.40
CA LEU B 138 3.06 -24.07 7.79
C LEU B 138 2.57 -24.82 9.02
N GLY B 139 1.67 -24.20 9.79
CA GLY B 139 1.23 -24.88 11.01
C GLY B 139 0.37 -23.99 11.87
N TYR B 140 -0.03 -24.50 13.01
CA TYR B 140 -0.94 -23.81 13.89
C TYR B 140 -0.38 -23.77 15.31
N VAL B 141 -0.77 -22.73 16.05
CA VAL B 141 -0.48 -22.61 17.47
C VAL B 141 -1.81 -22.60 18.20
N LEU B 142 -2.01 -23.60 19.07
CA LEU B 142 -3.21 -23.73 19.88
C LEU B 142 -2.93 -23.24 21.30
N GLU B 143 -3.81 -22.38 21.82
CA GLU B 143 -3.71 -21.88 23.19
C GLU B 143 -4.97 -22.21 23.99
N LYS B 144 -4.79 -22.38 25.30
CA LYS B 144 -5.86 -22.69 26.25
C LYS B 144 -5.85 -21.65 27.37
N ARG B 145 -7.01 -21.47 28.01
CA ARG B 145 -7.05 -20.62 29.19
C ARG B 145 -7.96 -21.29 30.20
N ASP B 146 -7.40 -21.53 31.37
CA ASP B 146 -8.17 -22.05 32.48
C ASP B 146 -9.18 -20.99 32.91
N LYS B 147 -10.41 -21.41 33.20
CA LYS B 147 -11.43 -20.44 33.62
C LYS B 147 -11.01 -19.73 34.89
N GLU B 148 -10.12 -20.34 35.68
CA GLU B 148 -9.61 -19.75 36.90
C GLU B 148 -8.23 -19.14 36.71
N GLY B 149 -7.80 -18.92 35.46
CA GLY B 149 -6.45 -18.48 35.18
C GLY B 149 -6.39 -17.13 34.50
N ILE B 150 -5.20 -16.55 34.48
CA ILE B 150 -5.06 -15.16 34.06
C ILE B 150 -4.76 -15.05 32.57
N ARG B 151 -3.84 -15.87 32.08
CA ARG B 151 -3.26 -15.71 30.76
C ARG B 151 -3.52 -16.95 29.89
N TRP B 152 -3.45 -16.74 28.59
CA TRP B 152 -3.51 -17.85 27.65
C TRP B 152 -2.15 -18.52 27.62
N THR B 153 -2.13 -19.85 27.52
CA THR B 153 -0.90 -20.62 27.44
C THR B 153 -0.95 -21.57 26.26
N ARG B 154 0.24 -21.95 25.79
CA ARG B 154 0.38 -22.86 24.66
C ARG B 154 0.15 -24.30 25.12
N CYS B 155 -0.47 -25.10 24.25
CA CYS B 155 -0.73 -26.51 24.51
C CYS B 155 0.35 -27.41 23.96
N HIS B 156 1.45 -26.84 23.48
CA HIS B 156 2.39 -27.64 22.72
C HIS B 156 3.59 -26.77 22.39
N LYS B 157 4.71 -27.42 22.13
CA LYS B 157 5.87 -26.74 21.57
C LYS B 157 5.81 -26.78 20.04
N ARG B 158 6.46 -25.80 19.42
CA ARG B 158 6.55 -25.68 17.96
C ARG B 158 5.15 -25.56 17.37
N LEU B 159 4.94 -26.10 16.17
CA LEU B 159 3.68 -25.95 15.42
C LEU B 159 3.03 -27.30 15.23
N ILE B 160 1.70 -27.28 15.09
CA ILE B 160 0.90 -28.46 14.77
C ILE B 160 0.67 -28.52 13.28
N GLY B 161 1.00 -29.65 12.66
CA GLY B 161 0.88 -29.78 11.22
C GLY B 161 -0.42 -30.39 10.74
N GLU B 162 -1.48 -30.28 11.54
CA GLU B 162 -2.78 -30.79 11.15
C GLU B 162 -3.84 -29.93 11.83
N LEU B 163 -5.11 -30.26 11.56
CA LEU B 163 -6.27 -29.50 12.01
C LEU B 163 -6.82 -29.96 13.36
N ARG B 164 -5.99 -30.58 14.19
CA ARG B 164 -6.47 -31.16 15.44
C ARG B 164 -5.27 -31.31 16.35
N LEU B 165 -5.54 -31.34 17.66
CA LEU B 165 -4.51 -31.59 18.65
C LEU B 165 -5.15 -32.23 19.86
N ARG B 166 -4.54 -33.29 20.37
CA ARG B 166 -4.96 -33.86 21.64
C ARG B 166 -4.21 -33.11 22.73
N VAL B 167 -4.90 -32.21 23.41
CA VAL B 167 -4.24 -31.44 24.46
C VAL B 167 -4.23 -32.25 25.74
N THR B 168 -3.05 -32.48 26.29
CA THR B 168 -2.89 -33.26 27.52
C THR B 168 -2.52 -32.32 28.68
N GLY B 169 -2.30 -32.92 29.85
CA GLY B 169 -1.93 -32.17 31.04
C GLY B 169 -3.02 -31.30 31.60
N LEU B 170 -4.29 -31.58 31.27
CA LEU B 170 -5.37 -30.77 31.78
C LEU B 170 -5.76 -31.24 33.19
N ILE B 171 -6.18 -30.29 34.03
CA ILE B 171 -6.49 -30.59 35.43
C ILE B 171 -7.96 -30.98 35.57
N GLU B 172 -8.20 -32.11 36.24
CA GLU B 172 -9.56 -32.63 36.34
C GLU B 172 -10.50 -31.63 37.01
N ASN B 173 -11.69 -31.50 36.43
CA ASN B 173 -12.80 -30.65 36.86
C ASN B 173 -12.50 -29.18 36.63
N HIS B 174 -11.40 -28.86 35.97
CA HIS B 174 -11.17 -27.50 35.50
C HIS B 174 -11.86 -27.29 34.16
N ASP B 175 -12.20 -26.03 33.89
CA ASP B 175 -12.85 -25.63 32.67
C ASP B 175 -11.83 -24.91 31.80
N TYR B 176 -11.76 -25.30 30.53
CA TYR B 176 -10.78 -24.76 29.58
C TYR B 176 -11.49 -24.23 28.33
N GLU B 177 -10.96 -23.13 27.79
CA GLU B 177 -11.33 -22.57 26.50
C GLU B 177 -10.09 -22.54 25.62
N PHE B 178 -10.30 -22.60 24.31
CA PHE B 178 -9.20 -22.73 23.39
C PHE B 178 -9.27 -21.68 22.31
N ARG B 179 -8.11 -21.31 21.78
CA ARG B 179 -8.03 -20.48 20.60
C ARG B 179 -6.82 -20.90 19.76
N VAL B 180 -6.92 -20.68 18.47
CA VAL B 180 -5.94 -21.21 17.53
C VAL B 180 -5.53 -20.10 16.59
N SER B 181 -4.24 -20.09 16.23
CA SER B 181 -3.65 -19.14 15.31
C SER B 181 -2.93 -19.91 14.22
N ALA B 182 -2.78 -19.31 13.05
CA ALA B 182 -2.17 -19.95 11.89
C ALA B 182 -0.86 -19.26 11.53
N GLU B 183 0.15 -20.05 11.16
CA GLU B 183 1.47 -19.53 10.87
C GLU B 183 1.90 -19.87 9.45
N ASN B 184 2.42 -18.87 8.73
CA ASN B 184 3.12 -19.03 7.47
C ASN B 184 4.51 -18.40 7.55
N ALA B 185 5.14 -18.23 6.39
CA ALA B 185 6.51 -17.76 6.35
C ALA B 185 6.68 -16.36 6.88
N ALA B 186 5.61 -15.57 6.92
CA ALA B 186 5.67 -14.20 7.45
C ALA B 186 5.49 -14.15 8.96
N GLY B 187 4.90 -15.14 9.59
CA GLY B 187 4.72 -15.09 11.02
C GLY B 187 3.35 -15.59 11.42
N LEU B 188 2.93 -15.20 12.63
CA LEU B 188 1.74 -15.77 13.25
C LEU B 188 0.54 -14.87 13.01
N SER B 189 -0.62 -15.49 12.74
CA SER B 189 -1.84 -14.74 12.52
C SER B 189 -2.40 -14.19 13.84
N GLU B 190 -3.36 -13.30 13.72
CA GLU B 190 -4.17 -12.99 14.88
C GLU B 190 -4.87 -14.27 15.32
N PRO B 191 -5.19 -14.40 16.61
CA PRO B 191 -5.87 -15.61 17.09
C PRO B 191 -7.33 -15.67 16.66
N SER B 192 -7.85 -16.89 16.64
CA SER B 192 -9.26 -17.09 16.40
C SER B 192 -10.04 -16.59 17.61
N PRO B 193 -11.35 -16.40 17.47
CA PRO B 193 -12.19 -16.30 18.67
C PRO B 193 -12.04 -17.55 19.51
N PRO B 194 -12.31 -17.49 20.80
CA PRO B 194 -12.15 -18.69 21.61
C PRO B 194 -13.32 -19.65 21.47
N SER B 195 -13.03 -20.92 21.73
CA SER B 195 -14.03 -21.97 21.85
C SER B 195 -14.88 -21.75 23.08
N ALA B 196 -15.97 -22.49 23.16
CA ALA B 196 -16.73 -22.55 24.41
C ALA B 196 -15.91 -23.25 25.47
N TYR B 197 -16.15 -22.91 26.73
CA TYR B 197 -15.47 -23.61 27.81
C TYR B 197 -15.88 -25.07 27.80
N GLN B 198 -14.92 -25.97 28.10
CA GLN B 198 -15.23 -27.37 28.39
C GLN B 198 -14.61 -27.73 29.73
N LYS B 199 -15.35 -28.51 30.54
CA LYS B 199 -14.81 -29.04 31.78
C LYS B 199 -14.04 -30.31 31.49
N ALA B 200 -12.84 -30.44 32.09
CA ALA B 200 -12.04 -31.65 31.97
C ALA B 200 -12.62 -32.72 32.87
N CYS B 201 -13.36 -33.67 32.28
CA CYS B 201 -13.90 -34.76 33.08
C CYS B 201 -14.19 -35.95 32.19
N ASP B 202 -14.07 -37.15 32.76
CA ASP B 202 -14.36 -38.38 32.03
C ASP B 202 -15.86 -38.48 31.77
N PRO B 203 -16.27 -39.10 30.63
CA PRO B 203 -17.70 -39.27 30.36
C PRO B 203 -18.37 -40.27 31.28
N ILE B 204 -18.64 -39.86 32.52
CA ILE B 204 -19.33 -40.67 33.52
C ILE B 204 -20.79 -40.23 33.59
N TYR B 205 -21.67 -41.19 33.76
CA TYR B 205 -23.09 -40.94 33.95
C TYR B 205 -23.54 -41.80 35.11
N LYS B 206 -24.61 -41.36 35.77
CA LYS B 206 -25.12 -42.12 36.89
C LYS B 206 -25.46 -43.55 36.47
N PRO B 207 -25.28 -44.51 37.36
CA PRO B 207 -25.46 -45.92 36.98
C PRO B 207 -26.93 -46.26 36.78
N GLY B 208 -27.14 -47.38 36.12
CA GLY B 208 -28.48 -47.89 35.99
C GLY B 208 -28.96 -48.56 37.27
N PRO B 209 -30.20 -49.06 37.21
CA PRO B 209 -30.81 -49.63 38.40
C PRO B 209 -30.17 -50.97 38.76
N PRO B 210 -30.07 -51.28 40.05
CA PRO B 210 -29.63 -52.62 40.42
C PRO B 210 -30.54 -53.66 39.80
N ASN B 211 -29.97 -54.80 39.46
CA ASN B 211 -30.67 -55.82 38.67
C ASN B 211 -31.19 -56.93 39.58
N ASN B 212 -32.35 -57.47 39.23
CA ASN B 212 -32.97 -58.57 39.96
C ASN B 212 -33.00 -58.36 41.48
N PRO B 213 -33.71 -57.35 41.97
CA PRO B 213 -33.92 -57.26 43.43
C PRO B 213 -34.79 -58.42 43.86
N LYS B 214 -34.40 -59.06 44.97
CA LYS B 214 -35.10 -60.25 45.43
C LYS B 214 -35.00 -60.34 46.95
N VAL B 215 -35.94 -61.07 47.54
CA VAL B 215 -35.90 -61.41 48.96
C VAL B 215 -35.33 -62.83 49.09
N ILE B 216 -34.44 -63.03 50.04
CA ILE B 216 -33.84 -64.34 50.30
C ILE B 216 -34.42 -64.98 51.56
N ASP B 217 -34.53 -64.22 52.64
CA ASP B 217 -35.11 -64.79 53.84
C ASP B 217 -35.76 -63.69 54.67
N ILE B 218 -36.76 -64.10 55.46
CA ILE B 218 -37.49 -63.23 56.38
C ILE B 218 -37.55 -63.93 57.73
N THR B 219 -37.32 -63.16 58.80
CA THR B 219 -37.42 -63.68 60.16
C THR B 219 -38.38 -62.81 60.95
N ARG B 220 -38.49 -63.02 62.27
CA ARG B 220 -39.41 -62.25 63.09
C ARG B 220 -39.04 -60.77 63.19
N SER B 221 -37.78 -60.41 62.88
CA SER B 221 -37.38 -59.01 63.00
C SER B 221 -36.39 -58.57 61.94
N SER B 222 -36.13 -59.35 60.89
CA SER B 222 -35.14 -58.99 59.89
C SER B 222 -35.58 -59.50 58.53
N VAL B 223 -35.06 -58.86 57.47
CA VAL B 223 -35.37 -59.23 56.09
C VAL B 223 -34.06 -59.34 55.32
N PHE B 224 -33.92 -60.42 54.54
CA PHE B 224 -32.72 -60.66 53.74
C PHE B 224 -32.99 -60.29 52.29
N LEU B 225 -32.21 -59.36 51.75
CA LEU B 225 -32.32 -58.90 50.38
C LEU B 225 -31.04 -59.25 49.63
N SER B 226 -31.16 -59.34 48.29
CA SER B 226 -30.03 -59.56 47.40
C SER B 226 -30.37 -59.03 46.02
N TRP B 227 -29.34 -58.63 45.28
CA TRP B 227 -29.47 -58.03 43.96
C TRP B 227 -28.18 -58.29 43.18
N SER B 228 -28.06 -57.70 42.00
CA SER B 228 -26.83 -57.82 41.24
C SER B 228 -26.46 -56.48 40.61
N LYS B 229 -25.24 -56.44 40.10
CA LYS B 229 -24.68 -55.23 39.50
C LYS B 229 -25.67 -54.67 38.47
N PRO B 230 -25.79 -53.34 38.37
CA PRO B 230 -26.64 -52.77 37.32
C PRO B 230 -26.13 -53.17 35.93
N ILE B 231 -27.09 -53.34 35.01
CA ILE B 231 -26.74 -53.63 33.63
C ILE B 231 -25.92 -52.48 33.05
N TYR B 232 -26.34 -51.24 33.29
CA TYR B 232 -25.61 -50.05 32.88
C TYR B 232 -24.97 -49.41 34.10
N ASP B 233 -23.64 -49.37 34.13
CA ASP B 233 -22.90 -48.82 35.26
C ASP B 233 -22.45 -47.36 35.07
N GLY B 234 -22.69 -46.77 33.90
CA GLY B 234 -22.29 -45.39 33.66
C GLY B 234 -20.84 -45.16 33.33
N GLY B 235 -20.18 -46.14 32.71
CA GLY B 235 -18.76 -46.02 32.40
C GLY B 235 -17.90 -45.84 33.63
N CYS B 236 -18.37 -46.35 34.76
CA CYS B 236 -17.85 -46.00 36.07
C CYS B 236 -18.03 -47.20 36.99
N GLU B 237 -17.28 -47.23 38.09
CA GLU B 237 -17.26 -48.39 38.97
C GLU B 237 -18.29 -48.23 40.07
N ILE B 238 -19.19 -49.21 40.19
CA ILE B 238 -20.18 -49.18 41.26
C ILE B 238 -19.44 -49.25 42.58
N GLN B 239 -19.51 -48.19 43.38
CA GLN B 239 -18.75 -48.12 44.63
C GLN B 239 -19.57 -48.53 45.83
N GLY B 240 -20.84 -48.86 45.62
CA GLY B 240 -21.70 -49.19 46.73
C GLY B 240 -23.15 -49.01 46.35
N TYR B 241 -24.01 -49.46 47.24
CA TYR B 241 -25.45 -49.49 47.00
C TYR B 241 -26.13 -48.86 48.20
N ILE B 242 -27.19 -48.09 47.95
CA ILE B 242 -28.03 -47.52 48.99
C ILE B 242 -29.32 -48.32 49.06
N VAL B 243 -29.72 -48.68 50.27
CA VAL B 243 -30.94 -49.48 50.51
C VAL B 243 -31.87 -48.67 51.41
N GLU B 244 -33.15 -48.64 51.05
CA GLU B 244 -34.16 -47.91 51.80
C GLU B 244 -35.33 -48.82 52.08
N LYS B 245 -36.02 -48.56 53.20
CA LYS B 245 -37.16 -49.36 53.63
C LYS B 245 -38.36 -48.44 53.79
N CYS B 246 -39.55 -48.95 53.47
CA CYS B 246 -40.77 -48.19 53.65
C CYS B 246 -41.80 -49.07 54.35
N ASP B 247 -42.29 -48.58 55.47
CA ASP B 247 -43.33 -49.25 56.25
C ASP B 247 -44.71 -48.91 55.71
N VAL B 248 -45.56 -49.93 55.61
CA VAL B 248 -46.96 -49.72 55.21
C VAL B 248 -47.78 -49.13 56.36
N SER B 249 -47.26 -49.12 57.60
CA SER B 249 -47.98 -48.45 58.68
C SER B 249 -47.78 -46.94 58.66
N VAL B 250 -46.57 -46.47 58.32
CA VAL B 250 -46.30 -45.04 58.28
C VAL B 250 -46.33 -44.55 56.83
N GLY B 251 -45.49 -45.13 55.99
CA GLY B 251 -45.42 -44.77 54.58
C GLY B 251 -44.25 -43.91 54.17
N GLU B 252 -43.32 -43.63 55.08
CA GLU B 252 -42.16 -42.80 54.76
C GLU B 252 -40.93 -43.70 54.61
N TRP B 253 -40.30 -43.59 53.43
CA TRP B 253 -39.10 -44.35 53.07
C TRP B 253 -37.91 -43.87 53.90
N THR B 254 -37.47 -44.70 54.85
CA THR B 254 -36.29 -44.45 55.65
C THR B 254 -35.08 -45.18 55.05
N MET B 255 -33.89 -44.69 55.38
CA MET B 255 -32.66 -45.24 54.86
C MET B 255 -32.19 -46.45 55.67
N CYS B 256 -31.47 -47.38 54.99
CA CYS B 256 -30.93 -48.58 55.62
C CYS B 256 -29.42 -48.73 55.51
N THR B 257 -28.71 -47.72 55.01
CA THR B 257 -27.26 -47.73 54.80
C THR B 257 -26.77 -46.30 55.03
N PRO B 258 -25.51 -46.13 55.43
CA PRO B 258 -24.91 -44.79 55.43
C PRO B 258 -25.03 -44.14 54.06
N PRO B 259 -24.93 -42.81 53.98
CA PRO B 259 -24.96 -42.17 52.65
C PRO B 259 -23.95 -42.74 51.67
N THR B 260 -22.80 -43.21 52.17
CA THR B 260 -21.84 -43.89 51.32
C THR B 260 -22.37 -45.20 50.74
N GLY B 261 -23.19 -45.91 51.49
CA GLY B 261 -23.74 -47.17 51.06
C GLY B 261 -22.99 -48.34 51.68
N ILE B 262 -23.22 -49.52 51.09
CA ILE B 262 -22.57 -50.75 51.50
C ILE B 262 -21.98 -51.39 50.24
N ASN B 263 -20.71 -51.80 50.31
CA ASN B 263 -20.09 -52.42 49.15
C ASN B 263 -20.29 -53.93 49.20
N LYS B 264 -21.54 -54.32 49.44
CA LYS B 264 -21.97 -55.70 49.48
C LYS B 264 -23.23 -55.77 48.64
N THR B 265 -23.39 -56.86 47.88
CA THR B 265 -24.60 -57.10 47.11
C THR B 265 -25.69 -57.76 47.93
N ASN B 266 -25.50 -57.81 49.23
CA ASN B 266 -26.47 -58.38 50.15
C ASN B 266 -26.58 -57.42 51.32
N ILE B 267 -27.74 -57.43 51.95
CA ILE B 267 -27.94 -56.68 53.19
C ILE B 267 -29.01 -57.42 53.96
N GLU B 268 -28.94 -57.33 55.27
CA GLU B 268 -29.99 -57.82 56.13
C GLU B 268 -30.55 -56.60 56.83
N VAL B 269 -31.74 -56.16 56.41
CA VAL B 269 -32.43 -55.10 57.12
C VAL B 269 -33.04 -55.74 58.35
N GLU B 270 -32.61 -55.28 59.52
CA GLU B 270 -32.89 -55.93 60.78
C GLU B 270 -33.43 -54.92 61.76
N LYS B 271 -33.80 -55.42 62.95
CA LYS B 271 -34.50 -54.65 63.99
C LYS B 271 -35.85 -54.15 63.47
N LEU B 272 -36.52 -55.00 62.68
CA LEU B 272 -37.82 -54.73 62.09
C LEU B 272 -38.98 -55.24 62.95
N LEU B 273 -40.11 -54.55 62.84
CA LEU B 273 -41.31 -54.88 63.59
C LEU B 273 -42.02 -56.12 63.04
N GLU B 274 -42.49 -56.98 63.93
CA GLU B 274 -43.15 -58.20 63.50
C GLU B 274 -44.58 -57.91 63.01
N LYS B 275 -45.02 -58.68 62.02
CA LYS B 275 -46.34 -58.62 61.40
C LYS B 275 -46.62 -57.32 60.67
N HIS B 276 -45.62 -56.46 60.52
CA HIS B 276 -45.70 -55.24 59.73
C HIS B 276 -45.29 -55.50 58.27
N GLU B 277 -45.55 -54.52 57.41
CA GLU B 277 -45.37 -54.68 55.96
C GLU B 277 -44.44 -53.60 55.40
N TYR B 278 -43.45 -54.01 54.61
CA TYR B 278 -42.43 -53.10 54.12
C TYR B 278 -42.28 -53.20 52.60
N ASN B 279 -41.76 -52.12 52.01
CA ASN B 279 -41.24 -52.13 50.63
C ASN B 279 -39.75 -51.81 50.66
N PHE B 280 -39.06 -52.21 49.60
CA PHE B 280 -37.61 -52.06 49.55
C PHE B 280 -37.11 -51.55 48.19
N ARG B 281 -36.24 -50.54 48.24
CA ARG B 281 -35.55 -49.94 47.10
C ARG B 281 -34.05 -50.15 47.27
N ILE B 282 -33.36 -50.42 46.17
CA ILE B 282 -31.92 -50.52 46.17
C ILE B 282 -31.39 -49.55 45.13
N CYS B 283 -30.31 -48.85 45.46
CA CYS B 283 -29.76 -47.83 44.59
C CYS B 283 -28.29 -48.15 44.33
N ALA B 284 -27.81 -47.75 43.16
CA ALA B 284 -26.43 -47.93 42.79
C ALA B 284 -25.72 -46.58 42.85
N ILE B 285 -24.44 -46.60 43.26
CA ILE B 285 -23.65 -45.39 43.45
C ILE B 285 -22.43 -45.44 42.55
N ASN B 286 -22.23 -44.34 41.81
CA ASN B 286 -21.09 -44.03 40.94
C ASN B 286 -20.28 -42.88 41.53
N LYS B 287 -19.10 -42.64 40.97
CA LYS B 287 -18.43 -41.39 41.25
C LYS B 287 -19.25 -40.20 40.75
N ALA B 288 -20.19 -40.44 39.83
CA ALA B 288 -21.06 -39.39 39.31
C ALA B 288 -22.26 -39.11 40.22
N GLY B 289 -22.77 -40.13 40.89
CA GLY B 289 -23.89 -39.94 41.79
C GLY B 289 -24.64 -41.24 41.99
N VAL B 290 -25.87 -41.12 42.47
CA VAL B 290 -26.70 -42.27 42.82
C VAL B 290 -27.73 -42.47 41.72
N GLY B 291 -27.74 -43.67 41.13
CA GLY B 291 -28.61 -43.97 40.01
C GLY B 291 -30.04 -44.35 40.42
N GLU B 292 -30.82 -44.71 39.41
CA GLU B 292 -32.22 -45.02 39.59
C GLU B 292 -32.38 -46.19 40.55
N HIS B 293 -33.43 -46.13 41.38
CA HIS B 293 -33.64 -47.20 42.35
C HIS B 293 -34.31 -48.40 41.66
N ALA B 294 -34.06 -49.57 42.23
CA ALA B 294 -34.76 -50.77 41.83
C ALA B 294 -35.64 -51.25 42.99
N ASP B 295 -36.89 -51.53 42.70
CA ASP B 295 -37.82 -51.95 43.74
C ASP B 295 -37.77 -53.47 43.90
N VAL B 296 -37.77 -53.91 45.16
CA VAL B 296 -37.90 -55.33 45.48
C VAL B 296 -39.32 -55.78 45.22
N PRO B 297 -39.53 -57.00 44.70
CA PRO B 297 -40.88 -57.45 44.34
C PRO B 297 -41.82 -57.40 45.54
N GLY B 298 -42.98 -56.76 45.32
CA GLY B 298 -44.10 -56.84 46.22
C GLY B 298 -43.84 -56.28 47.60
N PRO B 299 -44.90 -56.09 48.38
CA PRO B 299 -44.72 -55.79 49.80
C PRO B 299 -44.36 -57.07 50.56
N ILE B 300 -43.71 -56.87 51.72
CA ILE B 300 -43.11 -57.97 52.47
C ILE B 300 -43.71 -57.95 53.87
N ILE B 301 -44.17 -59.11 54.37
CA ILE B 301 -44.67 -59.25 55.74
C ILE B 301 -43.62 -59.98 56.58
N VAL B 302 -43.26 -59.37 57.71
CA VAL B 302 -42.25 -59.89 58.64
C VAL B 302 -42.86 -60.87 59.64
N GLU B 303 -42.39 -62.12 59.60
CA GLU B 303 -42.83 -63.18 60.52
C GLU B 303 -41.74 -64.20 60.83
C1 EDO C . -33.47 -15.72 7.33
O1 EDO C . -34.48 -15.18 8.20
C2 EDO C . -33.63 -15.11 5.94
O2 EDO C . -33.15 -13.76 5.98
C1 EDO D . 10.32 17.23 -9.02
O1 EDO D . 11.02 17.56 -7.80
C2 EDO D . 8.85 17.62 -8.98
O2 EDO D . 8.68 19.04 -8.90
#